data_6Q6J
#
_entry.id   6Q6J
#
_cell.length_a   49.230
_cell.length_b   130.490
_cell.length_c   157.760
_cell.angle_alpha   90.000
_cell.angle_beta   90.000
_cell.angle_gamma   90.000
#
_symmetry.space_group_name_H-M   'C 2 2 21'
#
loop_
_entity.id
_entity.type
_entity.pdbx_description
1 polymer 'Phosphoserine phosphatase'
2 non-polymer 'CALCIUM ION'
3 non-polymer '(2~{S})-2-azanyl-4-sulfo-butanoic acid'
4 non-polymer 'CHLORIDE ION'
5 water water
#
_entity_poly.entity_id   1
_entity_poly.type   'polypeptide(L)'
_entity_poly.pdbx_seq_one_letter_code
;SELRKLFYSADAVCFDVDSTVIREEGIDELAKICGVEDAVSEMTRRAMGGAVPFKAALTERLALIQPSREQVQRLIAEQP
PHLTPGIRELVSRLQERNVQVFLISGGFRSIVEHVASKLNIPATNVFANRLKFYFNGEYAGFDETQPTAESGGKGKVIKL
LKEKFHFKKIIMIGDGATDMEACPPADAFIGFGGNVIRQQVKDNAKWYITDFVELLGELE
;
_entity_poly.pdbx_strand_id   A,B
#
loop_
_chem_comp.id
_chem_comp.type
_chem_comp.name
_chem_comp.formula
CA non-polymer 'CALCIUM ION' 'Ca 2'
CL non-polymer 'CHLORIDE ION' 'Cl -1'
HJT non-polymer '(2~{S})-2-azanyl-4-sulfo-butanoic acid' 'C4 H9 N O5 S'
#
# COMPACT_ATOMS: atom_id res chain seq x y z
N SER A 1 28.30 0.57 -13.94
CA SER A 1 29.35 -0.31 -14.45
C SER A 1 28.84 -1.74 -14.64
N GLU A 2 28.54 -2.42 -13.53
CA GLU A 2 27.84 -3.69 -13.62
C GLU A 2 26.49 -3.52 -14.29
N LEU A 3 25.83 -2.38 -14.05
CA LEU A 3 24.62 -2.02 -14.77
C LEU A 3 24.91 -1.82 -16.25
N ARG A 4 26.09 -1.29 -16.58
CA ARG A 4 26.44 -1.10 -17.97
C ARG A 4 26.63 -2.44 -18.68
N LYS A 5 27.27 -3.40 -18.02
CA LYS A 5 27.39 -4.74 -18.61
C LYS A 5 26.01 -5.35 -18.83
N LEU A 6 25.11 -5.18 -17.87
CA LEU A 6 23.76 -5.68 -18.05
C LEU A 6 23.10 -5.02 -19.25
N PHE A 7 23.09 -3.68 -19.25
CA PHE A 7 22.43 -2.92 -20.30
C PHE A 7 23.02 -3.24 -21.68
N TYR A 8 24.32 -3.50 -21.75
CA TYR A 8 24.95 -3.78 -23.03
C TYR A 8 24.67 -5.19 -23.53
N SER A 9 24.22 -6.09 -22.67
CA SER A 9 23.94 -7.45 -23.09
C SER A 9 22.53 -7.62 -23.66
N ALA A 10 21.71 -6.57 -23.62
CA ALA A 10 20.34 -6.72 -24.09
C ALA A 10 20.30 -6.75 -25.61
N ASP A 11 19.45 -7.63 -26.17
CA ASP A 11 19.16 -7.47 -27.59
C ASP A 11 17.81 -6.80 -27.83
N ALA A 12 17.01 -6.58 -26.78
CA ALA A 12 15.80 -5.79 -26.88
C ALA A 12 15.60 -5.01 -25.59
N VAL A 13 15.18 -3.76 -25.72
CA VAL A 13 14.84 -2.91 -24.58
C VAL A 13 13.41 -2.41 -24.77
N CYS A 14 12.57 -2.66 -23.76
CA CYS A 14 11.20 -2.16 -23.74
C CYS A 14 11.11 -1.02 -22.73
N PHE A 15 10.64 0.15 -23.19
CA PHE A 15 10.47 1.31 -22.33
C PHE A 15 8.99 1.48 -22.01
N ASP A 16 8.69 1.69 -20.73
CA ASP A 16 7.40 2.27 -20.37
C ASP A 16 7.33 3.69 -20.92
N VAL A 17 6.12 4.17 -21.22
CA VAL A 17 6.05 5.51 -21.81
C VAL A 17 5.80 6.59 -20.76
N ASP A 18 4.60 6.56 -20.14
CA ASP A 18 4.21 7.57 -19.16
C ASP A 18 5.19 7.64 -17.98
N SER A 19 5.80 8.80 -17.77
CA SER A 19 6.73 9.10 -16.68
C SER A 19 8.09 8.47 -16.87
N THR A 20 8.32 7.76 -17.99
CA THR A 20 9.61 7.18 -18.30
C THR A 20 10.17 7.82 -19.58
N VAL A 21 9.62 7.47 -20.75
CA VAL A 21 10.06 8.11 -22.00
C VAL A 21 9.62 9.58 -22.04
N ILE A 22 8.45 9.89 -21.50
CA ILE A 22 7.96 11.26 -21.44
C ILE A 22 7.76 11.68 -19.99
N ARG A 23 7.72 13.00 -19.77
CA ARG A 23 7.57 13.55 -18.42
C ARG A 23 6.18 13.33 -17.89
N GLU A 24 5.19 13.22 -18.78
CA GLU A 24 3.79 13.28 -18.42
C GLU A 24 3.16 11.91 -18.46
N GLU A 25 1.90 11.85 -18.01
CA GLU A 25 1.01 10.71 -18.22
C GLU A 25 0.08 11.08 -19.36
N GLY A 26 0.11 10.30 -20.44
CA GLY A 26 -0.64 10.66 -21.64
C GLY A 26 -2.14 10.87 -21.38
N ILE A 27 -2.74 10.00 -20.58
CA ILE A 27 -4.17 10.15 -20.33
C ILE A 27 -4.48 11.42 -19.51
N ASP A 28 -3.61 11.81 -18.56
CA ASP A 28 -3.85 13.04 -17.80
C ASP A 28 -3.74 14.26 -18.70
N GLU A 29 -2.83 14.23 -19.68
CA GLU A 29 -2.72 15.35 -20.62
C GLU A 29 -3.97 15.46 -21.49
N LEU A 30 -4.49 14.32 -21.93
CA LEU A 30 -5.74 14.31 -22.69
C LEU A 30 -6.89 14.84 -21.83
N ALA A 31 -6.92 14.46 -20.55
CA ALA A 31 -7.95 14.94 -19.65
C ALA A 31 -7.88 16.46 -19.50
N LYS A 32 -6.66 17.01 -19.47
CA LYS A 32 -6.49 18.47 -19.42
C LYS A 32 -7.07 19.12 -20.67
N ILE A 33 -6.75 18.58 -21.85
CA ILE A 33 -7.24 19.12 -23.11
C ILE A 33 -8.77 19.07 -23.17
N CYS A 34 -9.38 18.08 -22.51
CA CYS A 34 -10.84 17.93 -22.52
C CYS A 34 -11.51 18.54 -21.28
N GLY A 35 -10.75 19.08 -20.34
CA GLY A 35 -11.28 19.88 -19.26
C GLY A 35 -11.64 19.16 -17.97
N VAL A 36 -11.22 17.91 -17.79
CA VAL A 36 -11.50 17.20 -16.54
C VAL A 36 -10.20 16.67 -15.91
N GLU A 37 -9.15 17.48 -15.95
CA GLU A 37 -7.85 17.12 -15.38
C GLU A 37 -7.98 16.60 -13.95
N ASP A 38 -8.77 17.28 -13.12
CA ASP A 38 -8.76 17.03 -11.67
C ASP A 38 -9.17 15.60 -11.35
N ALA A 39 -10.38 15.20 -11.77
CA ALA A 39 -10.88 13.88 -11.42
C ALA A 39 -10.00 12.78 -12.00
N VAL A 40 -9.71 12.86 -13.31
CA VAL A 40 -8.99 11.79 -13.98
C VAL A 40 -7.58 11.64 -13.41
N SER A 41 -6.93 12.77 -13.12
CA SER A 41 -5.56 12.73 -12.60
C SER A 41 -5.46 11.88 -11.33
N GLU A 42 -6.44 12.00 -10.44
CA GLU A 42 -6.40 11.20 -9.21
C GLU A 42 -6.81 9.76 -9.47
N MET A 43 -7.75 9.53 -10.40
CA MET A 43 -8.08 8.17 -10.81
C MET A 43 -6.85 7.45 -11.35
N THR A 44 -6.01 8.16 -12.10
CA THR A 44 -4.79 7.57 -12.64
C THR A 44 -3.82 7.19 -11.51
N ARG A 45 -3.58 8.13 -10.59
CA ARG A 45 -2.78 7.83 -9.40
C ARG A 45 -3.31 6.62 -8.66
N ARG A 46 -4.63 6.55 -8.50
CA ARG A 46 -5.28 5.46 -7.76
C ARG A 46 -5.00 4.11 -8.40
N ALA A 47 -4.74 4.08 -9.70
CA ALA A 47 -4.47 2.84 -10.39
C ALA A 47 -2.99 2.46 -10.37
N MET A 48 -2.10 3.39 -10.03
CA MET A 48 -0.66 3.14 -10.11
C MET A 48 -0.27 1.99 -9.19
N GLY A 49 0.64 1.14 -9.69
CA GLY A 49 0.92 -0.13 -9.04
C GLY A 49 0.00 -1.22 -9.54
N GLY A 50 0.16 -2.41 -8.93
CA GLY A 50 -0.76 -3.50 -9.15
C GLY A 50 -1.99 -3.35 -8.29
N ALA A 51 -2.68 -2.21 -8.43
CA ALA A 51 -3.62 -1.71 -7.43
C ALA A 51 -5.09 -2.00 -7.76
N VAL A 52 -5.51 -1.87 -9.02
CA VAL A 52 -6.91 -2.12 -9.39
C VAL A 52 -6.95 -2.79 -10.77
N PRO A 53 -8.07 -3.43 -11.09
CA PRO A 53 -8.25 -3.94 -12.47
C PRO A 53 -8.10 -2.81 -13.48
N PHE A 54 -7.08 -2.92 -14.32
CA PHE A 54 -6.72 -1.82 -15.20
C PHE A 54 -7.84 -1.49 -16.17
N LYS A 55 -8.48 -2.53 -16.73
CA LYS A 55 -9.46 -2.30 -17.78
C LYS A 55 -10.65 -1.50 -17.27
N ALA A 56 -11.14 -1.83 -16.07
CA ALA A 56 -12.22 -1.03 -15.48
C ALA A 56 -11.76 0.39 -15.24
N ALA A 57 -10.57 0.57 -14.68
CA ALA A 57 -10.07 1.92 -14.40
C ALA A 57 -9.94 2.74 -15.67
N LEU A 58 -9.67 2.09 -16.81
CA LEU A 58 -9.52 2.82 -18.07
C LEU A 58 -10.87 3.21 -18.65
N THR A 59 -11.86 2.32 -18.54
CA THR A 59 -13.23 2.64 -18.94
C THR A 59 -13.78 3.85 -18.18
N GLU A 60 -13.65 3.83 -16.85
CA GLU A 60 -14.16 4.94 -16.05
C GLU A 60 -13.45 6.24 -16.40
N ARG A 61 -12.12 6.19 -16.53
CA ARG A 61 -11.39 7.42 -16.83
C ARG A 61 -11.82 7.97 -18.17
N LEU A 62 -11.97 7.11 -19.17
CA LEU A 62 -12.35 7.56 -20.51
C LEU A 62 -13.80 8.00 -20.56
N ALA A 63 -14.65 7.39 -19.71
CA ALA A 63 -16.05 7.81 -19.63
C ALA A 63 -16.18 9.25 -19.14
N LEU A 64 -15.31 9.71 -18.24
CA LEU A 64 -15.26 11.13 -17.90
C LEU A 64 -14.71 11.98 -19.03
N ILE A 65 -13.69 11.48 -19.74
CA ILE A 65 -13.00 12.31 -20.72
C ILE A 65 -13.80 12.43 -22.01
N GLN A 66 -14.27 11.30 -22.55
CA GLN A 66 -15.02 11.30 -23.80
C GLN A 66 -14.23 11.97 -24.92
N PRO A 67 -12.98 11.57 -25.16
CA PRO A 67 -12.12 12.31 -26.10
C PRO A 67 -12.58 12.17 -27.54
N SER A 68 -12.71 13.30 -28.23
CA SER A 68 -13.02 13.25 -29.65
C SER A 68 -11.72 13.15 -30.46
N ARG A 69 -11.85 12.72 -31.71
CA ARG A 69 -10.66 12.57 -32.53
C ARG A 69 -9.96 13.91 -32.71
N GLU A 70 -10.72 14.97 -32.91
CA GLU A 70 -10.11 16.27 -33.12
C GLU A 70 -9.46 16.76 -31.82
N GLN A 71 -10.00 16.37 -30.67
CA GLN A 71 -9.33 16.65 -29.41
C GLN A 71 -8.00 15.88 -29.28
N VAL A 72 -7.96 14.63 -29.73
CA VAL A 72 -6.69 13.92 -29.77
C VAL A 72 -5.73 14.61 -30.73
N GLN A 73 -6.24 15.04 -31.89
CA GLN A 73 -5.38 15.76 -32.83
C GLN A 73 -4.84 17.05 -32.22
N ARG A 74 -5.70 17.80 -31.52
CA ARG A 74 -5.24 19.05 -30.93
C ARG A 74 -4.16 18.80 -29.87
N LEU A 75 -4.35 17.76 -29.06
CA LEU A 75 -3.33 17.41 -28.07
C LEU A 75 -1.98 17.14 -28.73
N ILE A 76 -1.96 16.30 -29.76
CA ILE A 76 -0.73 15.97 -30.46
C ILE A 76 -0.12 17.22 -31.11
N ALA A 77 -0.96 18.06 -31.70
CA ALA A 77 -0.44 19.20 -32.45
C ALA A 77 0.00 20.33 -31.52
N GLU A 78 -0.77 20.62 -30.48
CA GLU A 78 -0.58 21.86 -29.72
C GLU A 78 0.00 21.66 -28.32
N GLN A 79 -0.20 20.49 -27.73
CA GLN A 79 0.33 20.20 -26.39
C GLN A 79 1.06 18.86 -26.37
N PRO A 80 2.05 18.67 -27.25
CA PRO A 80 2.69 17.37 -27.33
C PRO A 80 3.51 17.10 -26.07
N PRO A 81 3.60 15.84 -25.65
CA PRO A 81 4.36 15.51 -24.43
C PRO A 81 5.84 15.79 -24.58
N HIS A 82 6.51 15.93 -23.43
CA HIS A 82 7.92 16.29 -23.37
C HIS A 82 8.76 15.02 -23.16
N LEU A 83 9.72 14.79 -24.05
CA LEU A 83 10.58 13.64 -23.89
C LEU A 83 11.47 13.88 -22.68
N THR A 84 11.62 12.87 -21.85
CA THR A 84 12.51 12.95 -20.71
C THR A 84 13.92 13.27 -21.22
N PRO A 85 14.66 14.18 -20.56
CA PRO A 85 16.04 14.44 -20.96
C PRO A 85 16.84 13.16 -21.04
N GLY A 86 17.66 13.06 -22.10
CA GLY A 86 18.50 11.91 -22.30
C GLY A 86 17.91 10.80 -23.14
N ILE A 87 16.58 10.75 -23.31
CA ILE A 87 16.02 9.54 -23.94
C ILE A 87 16.32 9.53 -25.43
N ARG A 88 16.35 10.71 -26.08
N ARG A 88 16.39 10.71 -26.08
CA ARG A 88 16.70 10.77 -27.49
CA ARG A 88 16.70 10.72 -27.51
C ARG A 88 18.07 10.16 -27.73
C ARG A 88 18.09 10.17 -27.76
N GLU A 89 19.06 10.60 -26.95
CA GLU A 89 20.42 10.10 -27.09
C GLU A 89 20.51 8.62 -26.71
N LEU A 90 19.78 8.20 -25.67
CA LEU A 90 19.85 6.80 -25.25
C LEU A 90 19.32 5.86 -26.35
N VAL A 91 18.15 6.17 -26.90
CA VAL A 91 17.60 5.34 -27.97
C VAL A 91 18.51 5.39 -29.21
N SER A 92 19.13 6.54 -29.49
CA SER A 92 20.07 6.63 -30.62
C SER A 92 21.26 5.67 -30.42
N ARG A 93 21.88 5.67 -29.23
CA ARG A 93 22.96 4.73 -28.96
C ARG A 93 22.50 3.27 -29.11
N LEU A 94 21.28 2.97 -28.66
CA LEU A 94 20.74 1.61 -28.74
C LEU A 94 20.52 1.19 -30.19
N GLN A 95 19.94 2.09 -30.99
CA GLN A 95 19.66 1.73 -32.36
C GLN A 95 20.95 1.62 -33.16
N GLU A 96 21.97 2.41 -32.81
CA GLU A 96 23.27 2.30 -33.48
C GLU A 96 23.99 1.02 -33.12
N ARG A 97 23.61 0.39 -32.02
CA ARG A 97 24.11 -0.93 -31.66
C ARG A 97 23.18 -2.06 -32.11
N ASN A 98 22.16 -1.74 -32.90
CA ASN A 98 21.18 -2.72 -33.40
C ASN A 98 20.35 -3.40 -32.29
N VAL A 99 20.26 -2.78 -31.11
CA VAL A 99 19.32 -3.22 -30.09
C VAL A 99 17.91 -2.82 -30.52
N GLN A 100 16.98 -3.77 -30.50
CA GLN A 100 15.59 -3.47 -30.86
C GLN A 100 14.92 -2.74 -29.70
N VAL A 101 14.34 -1.55 -29.96
CA VAL A 101 13.69 -0.76 -28.93
C VAL A 101 12.19 -0.78 -29.14
N PHE A 102 11.44 -1.03 -28.06
CA PHE A 102 9.99 -1.06 -28.08
C PHE A 102 9.46 -0.04 -27.08
N LEU A 103 8.27 0.46 -27.37
CA LEU A 103 7.52 1.27 -26.40
C LEU A 103 6.26 0.51 -26.05
N ILE A 104 5.97 0.42 -24.76
CA ILE A 104 4.80 -0.30 -24.27
C ILE A 104 4.11 0.62 -23.29
N SER A 105 2.81 0.82 -23.48
CA SER A 105 2.09 1.79 -22.66
C SER A 105 0.66 1.34 -22.47
N GLY A 106 0.10 1.65 -21.29
CA GLY A 106 -1.33 1.59 -21.15
C GLY A 106 -2.03 2.80 -21.70
N GLY A 107 -1.28 3.78 -22.20
CA GLY A 107 -1.83 4.91 -22.93
C GLY A 107 -2.26 4.50 -24.33
N PHE A 108 -2.29 5.48 -25.21
CA PHE A 108 -3.01 5.34 -26.47
C PHE A 108 -2.07 5.47 -27.66
N ARG A 109 -2.32 4.64 -28.67
CA ARG A 109 -1.41 4.51 -29.81
C ARG A 109 -1.21 5.83 -30.54
N SER A 110 -2.27 6.62 -30.72
CA SER A 110 -2.13 7.88 -31.44
C SER A 110 -1.06 8.75 -30.81
N ILE A 111 -1.07 8.85 -29.48
CA ILE A 111 -0.05 9.64 -28.78
C ILE A 111 1.29 8.91 -28.77
N VAL A 112 1.30 7.60 -28.50
CA VAL A 112 2.56 6.88 -28.34
C VAL A 112 3.31 6.80 -29.67
N GLU A 113 2.57 6.62 -30.78
CA GLU A 113 3.20 6.60 -32.11
C GLU A 113 3.77 7.95 -32.47
N HIS A 114 3.17 9.03 -31.98
CA HIS A 114 3.77 10.32 -32.17
C HIS A 114 5.10 10.38 -31.45
N VAL A 115 5.15 9.84 -30.22
CA VAL A 115 6.38 9.78 -29.45
C VAL A 115 7.42 8.89 -30.13
N ALA A 116 6.98 7.76 -30.69
CA ALA A 116 7.90 6.84 -31.35
C ALA A 116 8.58 7.48 -32.56
N SER A 117 7.83 8.23 -33.37
CA SER A 117 8.38 8.91 -34.53
C SER A 117 9.53 9.84 -34.15
N LYS A 118 9.37 10.59 -33.06
CA LYS A 118 10.43 11.47 -32.60
C LYS A 118 11.68 10.70 -32.21
N LEU A 119 11.55 9.40 -31.94
CA LEU A 119 12.66 8.57 -31.49
C LEU A 119 13.12 7.59 -32.56
N ASN A 120 12.55 7.65 -33.77
CA ASN A 120 12.86 6.74 -34.87
C ASN A 120 12.53 5.31 -34.52
N ILE A 121 11.51 5.12 -33.68
CA ILE A 121 11.02 3.80 -33.34
C ILE A 121 9.87 3.47 -34.28
N PRO A 122 9.96 2.43 -35.09
CA PRO A 122 8.86 2.11 -36.00
C PRO A 122 7.58 1.78 -35.24
N ALA A 123 6.45 2.02 -35.89
CA ALA A 123 5.15 1.79 -35.26
C ALA A 123 4.93 0.32 -34.94
N THR A 124 5.55 -0.58 -35.71
CA THR A 124 5.51 -2.01 -35.39
C THR A 124 6.08 -2.29 -34.01
N ASN A 125 6.90 -1.39 -33.47
CA ASN A 125 7.54 -1.59 -32.19
C ASN A 125 6.80 -0.86 -31.08
N VAL A 126 5.57 -0.40 -31.34
CA VAL A 126 4.76 0.30 -30.36
C VAL A 126 3.59 -0.59 -29.98
N PHE A 127 3.41 -0.80 -28.68
CA PHE A 127 2.27 -1.54 -28.14
C PHE A 127 1.52 -0.65 -27.15
N ALA A 128 0.27 -0.33 -27.49
CA ALA A 128 -0.52 0.60 -26.70
C ALA A 128 -1.98 0.30 -26.95
N ASN A 129 -2.85 1.00 -26.21
CA ASN A 129 -4.29 0.90 -26.42
C ASN A 129 -4.72 1.77 -27.60
N ARG A 130 -5.83 1.38 -28.23
CA ARG A 130 -6.34 2.05 -29.42
C ARG A 130 -7.73 2.60 -29.12
N LEU A 131 -7.85 3.93 -29.14
CA LEU A 131 -9.14 4.60 -29.06
C LEU A 131 -9.99 4.35 -30.30
N LYS A 132 -11.30 4.28 -30.09
CA LYS A 132 -12.26 4.18 -31.17
C LYS A 132 -13.10 5.45 -31.23
N PHE A 133 -13.51 5.83 -32.44
CA PHE A 133 -14.28 7.04 -32.69
C PHE A 133 -15.39 6.72 -33.68
N TYR A 134 -16.49 7.46 -33.59
CA TYR A 134 -17.57 7.31 -34.55
C TYR A 134 -17.25 8.12 -35.81
N PHE A 135 -18.12 8.01 -36.82
CA PHE A 135 -17.82 8.64 -38.11
C PHE A 135 -17.61 10.13 -37.94
N ASN A 136 -18.35 10.76 -37.02
CA ASN A 136 -18.26 12.20 -36.78
C ASN A 136 -17.15 12.56 -35.82
N GLY A 137 -16.39 11.60 -35.30
CA GLY A 137 -15.26 11.93 -34.46
C GLY A 137 -15.48 11.72 -32.97
N GLU A 138 -16.69 11.36 -32.56
CA GLU A 138 -16.99 11.23 -31.13
C GLU A 138 -16.38 9.96 -30.55
N TYR A 139 -15.89 10.07 -29.32
CA TYR A 139 -15.37 8.91 -28.59
C TYR A 139 -16.31 7.73 -28.65
N ALA A 140 -15.78 6.56 -29.05
CA ALA A 140 -16.59 5.35 -29.18
C ALA A 140 -16.06 4.16 -28.39
N GLY A 141 -15.09 4.38 -27.50
CA GLY A 141 -14.56 3.28 -26.71
C GLY A 141 -13.09 3.02 -27.00
N PHE A 142 -12.63 1.81 -26.72
CA PHE A 142 -11.26 1.42 -27.03
C PHE A 142 -11.21 -0.08 -27.27
N ASP A 143 -10.15 -0.52 -27.94
CA ASP A 143 -10.00 -1.92 -28.31
C ASP A 143 -9.63 -2.74 -27.08
N GLU A 144 -10.56 -3.56 -26.60
CA GLU A 144 -10.32 -4.35 -25.40
C GLU A 144 -9.59 -5.66 -25.68
N THR A 145 -9.32 -5.98 -26.94
CA THR A 145 -8.53 -7.18 -27.24
C THR A 145 -7.03 -6.91 -27.23
N GLN A 146 -6.62 -5.66 -26.99
CA GLN A 146 -5.21 -5.34 -26.89
C GLN A 146 -4.64 -5.88 -25.58
N PRO A 147 -3.43 -6.45 -25.60
CA PRO A 147 -2.80 -6.87 -24.33
C PRO A 147 -2.68 -5.73 -23.32
N THR A 148 -2.38 -4.52 -23.78
CA THR A 148 -2.24 -3.36 -22.90
C THR A 148 -3.56 -2.91 -22.30
N ALA A 149 -4.68 -3.49 -22.73
CA ALA A 149 -5.99 -3.16 -22.14
C ALA A 149 -6.26 -3.89 -20.83
N GLU A 150 -5.45 -4.87 -20.46
CA GLU A 150 -5.73 -5.70 -19.30
C GLU A 150 -4.58 -5.59 -18.29
N SER A 151 -4.89 -5.90 -17.04
CA SER A 151 -3.83 -6.00 -16.03
C SER A 151 -2.79 -7.01 -16.48
N GLY A 152 -1.53 -6.73 -16.17
CA GLY A 152 -0.45 -7.60 -16.60
C GLY A 152 -0.09 -7.49 -18.06
N GLY A 153 -0.63 -6.50 -18.76
CA GLY A 153 -0.50 -6.43 -20.21
C GLY A 153 0.93 -6.22 -20.71
N LYS A 154 1.77 -5.54 -19.92
CA LYS A 154 3.16 -5.38 -20.31
C LYS A 154 3.90 -6.71 -20.35
N GLY A 155 3.64 -7.56 -19.34
CA GLY A 155 4.20 -8.90 -19.36
C GLY A 155 3.72 -9.72 -20.54
N LYS A 156 2.45 -9.57 -20.90
CA LYS A 156 1.92 -10.28 -22.07
C LYS A 156 2.56 -9.80 -23.38
N VAL A 157 2.78 -8.49 -23.52
CA VAL A 157 3.52 -7.99 -24.68
C VAL A 157 4.91 -8.62 -24.76
N ILE A 158 5.66 -8.59 -23.67
CA ILE A 158 7.02 -9.12 -23.72
C ILE A 158 7.02 -10.60 -24.08
N LYS A 159 6.06 -11.36 -23.55
CA LYS A 159 5.96 -12.76 -23.91
C LYS A 159 5.70 -12.91 -25.40
N LEU A 160 4.86 -12.06 -25.97
CA LEU A 160 4.61 -12.13 -27.41
C LEU A 160 5.86 -11.82 -28.22
N LEU A 161 6.69 -10.89 -27.72
CA LEU A 161 7.94 -10.56 -28.43
C LEU A 161 8.93 -11.72 -28.38
N LYS A 162 9.01 -12.40 -27.23
CA LYS A 162 9.89 -13.55 -27.11
C LYS A 162 9.50 -14.64 -28.08
N GLU A 163 8.18 -14.92 -28.20
CA GLU A 163 7.71 -15.96 -29.11
C GLU A 163 7.94 -15.57 -30.58
N LYS A 164 7.82 -14.28 -30.91
CA LYS A 164 7.94 -13.86 -32.29
C LYS A 164 9.39 -13.74 -32.73
N PHE A 165 10.26 -13.16 -31.90
CA PHE A 165 11.63 -12.88 -32.31
C PHE A 165 12.69 -13.67 -31.57
N HIS A 166 12.34 -14.37 -30.50
CA HIS A 166 13.26 -15.23 -29.72
C HIS A 166 14.44 -14.44 -29.15
N PHE A 167 14.18 -13.21 -28.69
CA PHE A 167 15.23 -12.43 -28.06
C PHE A 167 15.83 -13.18 -26.87
N LYS A 168 17.14 -13.07 -26.70
CA LYS A 168 17.83 -13.77 -25.61
C LYS A 168 17.91 -12.96 -24.33
N LYS A 169 17.78 -11.63 -24.41
CA LYS A 169 17.93 -10.77 -23.23
C LYS A 169 17.05 -9.54 -23.45
N ILE A 170 15.84 -9.55 -22.91
CA ILE A 170 14.92 -8.42 -23.01
C ILE A 170 14.88 -7.71 -21.68
N ILE A 171 15.11 -6.40 -21.70
CA ILE A 171 15.12 -5.58 -20.50
C ILE A 171 13.93 -4.65 -20.55
N MET A 172 13.21 -4.57 -19.43
CA MET A 172 12.10 -3.66 -19.23
C MET A 172 12.61 -2.48 -18.42
N ILE A 173 12.32 -1.26 -18.88
CA ILE A 173 12.71 -0.03 -18.21
C ILE A 173 11.44 0.76 -17.95
N GLY A 174 11.23 1.16 -16.70
CA GLY A 174 10.01 1.87 -16.35
C GLY A 174 10.01 2.35 -14.91
N ASP A 175 9.02 3.18 -14.61
CA ASP A 175 9.01 3.87 -13.33
C ASP A 175 8.12 3.20 -12.27
N GLY A 176 7.18 2.34 -12.65
CA GLY A 176 6.13 1.88 -11.76
C GLY A 176 6.14 0.39 -11.48
N ALA A 177 5.25 0.01 -10.55
CA ALA A 177 5.16 -1.40 -10.12
C ALA A 177 4.81 -2.32 -11.28
N THR A 178 3.92 -1.88 -12.19
CA THR A 178 3.55 -2.72 -13.32
C THR A 178 4.71 -2.96 -14.27
N ASP A 179 5.67 -2.03 -14.35
CA ASP A 179 6.87 -2.29 -15.12
C ASP A 179 7.75 -3.31 -14.42
N MET A 180 7.96 -3.12 -13.13
CA MET A 180 8.73 -4.10 -12.35
C MET A 180 8.09 -5.48 -12.42
N GLU A 181 6.75 -5.54 -12.48
CA GLU A 181 6.01 -6.78 -12.59
C GLU A 181 6.12 -7.44 -13.97
N ALA A 182 6.74 -6.80 -14.95
CA ALA A 182 6.92 -7.40 -16.27
C ALA A 182 8.18 -8.26 -16.33
N CYS A 183 8.94 -8.31 -15.25
CA CYS A 183 10.12 -9.15 -15.13
C CYS A 183 9.89 -10.15 -13.99
N PRO A 184 9.63 -11.44 -14.24
CA PRO A 184 9.53 -12.09 -15.55
C PRO A 184 8.24 -11.65 -16.24
N PRO A 185 8.09 -11.90 -17.53
CA PRO A 185 8.96 -12.64 -18.47
C PRO A 185 10.18 -11.88 -18.98
N ALA A 186 10.30 -10.58 -18.71
CA ALA A 186 11.51 -9.90 -19.09
C ALA A 186 12.68 -10.52 -18.36
N ASP A 187 13.87 -10.38 -18.93
CA ASP A 187 15.07 -10.95 -18.33
C ASP A 187 15.67 -10.06 -17.24
N ALA A 188 15.47 -8.76 -17.30
CA ALA A 188 15.95 -7.84 -16.28
C ALA A 188 15.01 -6.65 -16.27
N PHE A 189 14.99 -5.94 -15.15
CA PHE A 189 14.19 -4.73 -15.03
C PHE A 189 15.09 -3.62 -14.51
N ILE A 190 14.98 -2.44 -15.10
CA ILE A 190 15.66 -1.26 -14.57
C ILE A 190 14.60 -0.21 -14.23
N GLY A 191 14.53 0.13 -12.95
CA GLY A 191 13.60 1.17 -12.51
C GLY A 191 14.09 2.55 -12.90
N PHE A 192 13.15 3.45 -13.19
CA PHE A 192 13.50 4.80 -13.62
C PHE A 192 12.80 5.84 -12.74
N GLY A 193 13.59 6.71 -12.13
CA GLY A 193 13.01 7.72 -11.23
C GLY A 193 13.38 9.14 -11.59
N GLY A 194 13.72 9.36 -12.87
CA GLY A 194 14.06 10.69 -13.32
C GLY A 194 12.91 11.66 -13.26
N ASN A 195 11.69 11.18 -13.50
CA ASN A 195 10.54 12.08 -13.40
C ASN A 195 9.85 12.03 -12.05
N VAL A 196 9.65 10.85 -11.47
CA VAL A 196 9.08 10.75 -10.14
C VAL A 196 9.58 9.46 -9.52
N ILE A 197 10.10 9.55 -8.31
CA ILE A 197 10.57 8.36 -7.62
C ILE A 197 9.36 7.66 -7.02
N ARG A 198 9.12 6.43 -7.44
CA ARG A 198 8.18 5.54 -6.76
C ARG A 198 9.03 4.69 -5.83
N GLN A 199 9.00 5.05 -4.54
CA GLN A 199 9.90 4.41 -3.57
C GLN A 199 9.73 2.91 -3.51
N GLN A 200 8.50 2.44 -3.75
CA GLN A 200 8.24 1.00 -3.74
C GLN A 200 9.05 0.29 -4.82
N VAL A 201 9.23 0.95 -5.98
CA VAL A 201 10.04 0.40 -7.06
C VAL A 201 11.52 0.51 -6.73
N LYS A 202 11.94 1.66 -6.23
CA LYS A 202 13.34 1.89 -5.91
C LYS A 202 13.84 0.95 -4.83
N ASP A 203 12.99 0.59 -3.87
CA ASP A 203 13.44 -0.24 -2.76
C ASP A 203 13.60 -1.70 -3.17
N ASN A 204 12.84 -2.13 -4.17
CA ASN A 204 12.79 -3.53 -4.54
C ASN A 204 13.43 -3.87 -5.88
N ALA A 205 13.90 -2.88 -6.63
CA ALA A 205 14.56 -3.15 -7.90
C ALA A 205 16.03 -3.43 -7.68
N LYS A 206 16.56 -4.43 -8.38
CA LYS A 206 18.00 -4.63 -8.38
C LYS A 206 18.70 -3.47 -9.06
N TRP A 207 18.08 -2.91 -10.09
CA TRP A 207 18.67 -1.82 -10.86
C TRP A 207 17.72 -0.64 -10.85
N TYR A 208 18.25 0.56 -10.57
CA TYR A 208 17.43 1.76 -10.47
C TYR A 208 18.28 2.96 -10.84
N ILE A 209 17.78 3.80 -11.73
CA ILE A 209 18.52 5.00 -12.14
C ILE A 209 17.57 6.19 -12.04
N THR A 210 18.16 7.37 -11.94
CA THR A 210 17.39 8.60 -11.91
C THR A 210 17.67 9.49 -13.10
N ASP A 211 18.54 9.05 -14.01
CA ASP A 211 19.03 9.92 -15.07
C ASP A 211 19.47 9.04 -16.23
N PHE A 212 18.82 9.21 -17.39
CA PHE A 212 19.08 8.34 -18.53
C PHE A 212 20.55 8.37 -18.98
N VAL A 213 21.31 9.37 -18.56
CA VAL A 213 22.73 9.41 -18.88
C VAL A 213 23.47 8.22 -18.28
N GLU A 214 23.00 7.72 -17.12
CA GLU A 214 23.76 6.70 -16.39
C GLU A 214 23.97 5.45 -17.22
N LEU A 215 23.08 5.16 -18.17
CA LEU A 215 23.27 4.00 -19.02
C LEU A 215 24.20 4.27 -20.20
N LEU A 216 24.55 5.52 -20.45
CA LEU A 216 25.50 5.87 -21.50
C LEU A 216 26.90 5.51 -21.00
N GLY A 217 27.42 4.37 -21.48
CA GLY A 217 28.55 3.69 -20.87
C GLY A 217 29.92 3.91 -21.47
N GLU A 218 30.09 4.84 -22.40
CA GLU A 218 31.43 5.08 -22.95
C GLU A 218 31.65 6.52 -23.40
N LEU A 219 30.71 7.44 -23.15
CA LEU A 219 30.91 8.87 -23.39
C LEU A 219 31.17 9.16 -24.88
N GLU A 220 30.26 8.68 -25.73
CA GLU A 220 30.32 8.95 -27.19
C GLU A 220 28.97 8.74 -27.87
N SER B 1 -15.24 -1.92 -2.02
CA SER B 1 -14.79 -2.76 -3.14
C SER B 1 -13.27 -2.68 -3.27
N GLU B 2 -12.75 -1.45 -3.32
CA GLU B 2 -11.33 -1.24 -3.07
C GLU B 2 -10.96 -1.68 -1.65
N LEU B 3 -11.86 -1.42 -0.70
CA LEU B 3 -11.66 -1.85 0.68
C LEU B 3 -11.57 -3.37 0.78
N ARG B 4 -12.63 -4.05 0.31
CA ARG B 4 -12.70 -5.51 0.48
C ARG B 4 -11.51 -6.19 -0.18
N LYS B 5 -11.07 -5.67 -1.33
CA LYS B 5 -9.95 -6.30 -2.02
C LYS B 5 -8.67 -6.17 -1.22
N LEU B 6 -8.34 -4.93 -0.79
CA LEU B 6 -7.24 -4.65 0.13
C LEU B 6 -7.22 -5.63 1.30
N PHE B 7 -8.39 -5.96 1.80
CA PHE B 7 -8.47 -6.70 3.06
C PHE B 7 -8.04 -8.15 2.90
N TYR B 8 -8.64 -8.88 1.97
CA TYR B 8 -8.37 -10.30 1.83
C TYR B 8 -7.18 -10.59 0.92
N SER B 9 -6.41 -9.57 0.56
CA SER B 9 -5.07 -9.80 0.03
C SER B 9 -4.00 -9.85 1.11
N ALA B 10 -4.36 -9.47 2.34
CA ALA B 10 -3.43 -9.43 3.47
C ALA B 10 -2.98 -10.83 3.87
N ASP B 11 -1.75 -10.93 4.40
CA ASP B 11 -1.36 -12.18 5.03
C ASP B 11 -1.35 -12.11 6.55
N ALA B 12 -1.52 -10.92 7.14
CA ALA B 12 -1.67 -10.80 8.58
C ALA B 12 -2.49 -9.57 8.91
N VAL B 13 -3.30 -9.69 9.95
CA VAL B 13 -4.13 -8.60 10.45
C VAL B 13 -3.92 -8.50 11.96
N CYS B 14 -3.54 -7.31 12.42
CA CYS B 14 -3.36 -7.06 13.84
C CYS B 14 -4.47 -6.15 14.33
N PHE B 15 -5.18 -6.58 15.38
CA PHE B 15 -6.24 -5.80 16.00
C PHE B 15 -5.74 -5.17 17.30
N ASP B 16 -6.02 -3.89 17.44
CA ASP B 16 -6.03 -3.27 18.75
C ASP B 16 -7.14 -3.92 19.60
N VAL B 17 -6.92 -4.02 20.90
CA VAL B 17 -7.95 -4.66 21.74
C VAL B 17 -8.92 -3.63 22.34
N ASP B 18 -8.45 -2.79 23.24
CA ASP B 18 -9.33 -1.84 23.93
C ASP B 18 -10.03 -0.91 22.95
N SER B 19 -11.37 -0.86 23.02
CA SER B 19 -12.25 -0.03 22.20
C SER B 19 -12.33 -0.49 20.75
N THR B 20 -11.70 -1.62 20.39
CA THR B 20 -11.79 -2.15 19.03
C THR B 20 -12.36 -3.56 19.04
N VAL B 21 -11.61 -4.55 19.55
CA VAL B 21 -12.11 -5.92 19.64
C VAL B 21 -13.17 -6.04 20.74
N ILE B 22 -12.99 -5.28 21.83
CA ILE B 22 -13.95 -5.20 22.92
C ILE B 22 -14.43 -3.75 23.03
N ARG B 23 -15.60 -3.59 23.66
CA ARG B 23 -16.19 -2.25 23.80
C ARG B 23 -15.43 -1.40 24.81
N GLU B 24 -14.88 -2.04 25.84
CA GLU B 24 -14.31 -1.36 26.99
C GLU B 24 -12.79 -1.19 26.84
N GLU B 25 -12.19 -0.52 27.81
CA GLU B 25 -10.74 -0.53 27.99
C GLU B 25 -10.43 -1.34 29.23
N GLY B 26 -9.51 -2.31 29.10
CA GLY B 26 -9.28 -3.24 30.19
C GLY B 26 -8.86 -2.56 31.47
N ILE B 27 -8.04 -1.52 31.36
CA ILE B 27 -7.54 -0.83 32.54
C ILE B 27 -8.63 0.02 33.21
N ASP B 28 -9.66 0.43 32.47
CA ASP B 28 -10.83 1.03 33.12
C ASP B 28 -11.56 -0.01 33.94
N GLU B 29 -11.92 -1.12 33.29
CA GLU B 29 -12.68 -2.16 33.97
C GLU B 29 -11.94 -2.69 35.18
N LEU B 30 -10.60 -2.62 35.16
CA LEU B 30 -9.81 -2.98 36.33
C LEU B 30 -9.89 -1.87 37.39
N ALA B 31 -9.82 -0.60 36.96
CA ALA B 31 -10.04 0.49 37.90
C ALA B 31 -11.45 0.43 38.47
N LYS B 32 -12.42 0.04 37.66
CA LYS B 32 -13.77 -0.25 38.11
C LYS B 32 -13.77 -1.27 39.24
N ILE B 33 -13.50 -2.53 38.90
CA ILE B 33 -13.66 -3.63 39.84
C ILE B 33 -12.78 -3.47 41.08
N CYS B 34 -11.79 -2.59 41.04
CA CYS B 34 -10.96 -2.34 42.21
C CYS B 34 -11.48 -1.18 43.06
N GLY B 35 -12.41 -0.38 42.53
CA GLY B 35 -13.08 0.63 43.33
C GLY B 35 -12.43 1.99 43.30
N VAL B 36 -11.73 2.33 42.23
CA VAL B 36 -10.99 3.59 42.14
C VAL B 36 -11.22 4.23 40.78
N GLU B 37 -12.42 4.03 40.22
CA GLU B 37 -12.76 4.45 38.86
C GLU B 37 -12.53 5.95 38.64
N ASP B 38 -13.36 6.77 39.29
CA ASP B 38 -13.29 8.21 39.09
C ASP B 38 -11.92 8.76 39.48
N ALA B 39 -11.36 8.26 40.58
CA ALA B 39 -10.02 8.67 40.99
C ALA B 39 -9.01 8.52 39.86
N VAL B 40 -9.07 7.40 39.12
CA VAL B 40 -8.23 7.26 37.93
C VAL B 40 -8.86 8.07 36.82
N SER B 41 -8.62 9.39 36.83
CA SER B 41 -9.05 10.30 35.77
C SER B 41 -7.80 11.03 35.31
N GLU B 42 -7.12 10.47 34.31
CA GLU B 42 -5.98 11.13 33.69
C GLU B 42 -6.43 12.41 33.00
N MET B 43 -6.43 13.53 33.72
CA MET B 43 -6.84 14.80 33.16
C MET B 43 -5.65 15.52 32.53
N THR B 44 -5.10 16.51 33.24
CA THR B 44 -3.95 17.28 32.77
C THR B 44 -2.99 17.59 33.90
N ARG B 45 -2.96 16.75 34.94
CA ARG B 45 -2.10 16.93 36.11
C ARG B 45 -1.11 15.76 36.21
N ARG B 46 -0.38 15.72 37.34
CA ARG B 46 0.57 14.65 37.66
C ARG B 46 1.59 14.41 36.56
N ALA B 47 1.83 15.43 35.72
CA ALA B 47 2.75 15.32 34.61
C ALA B 47 4.17 15.65 35.06
N MET B 48 5.13 14.86 34.57
CA MET B 48 6.54 15.05 34.92
C MET B 48 7.16 16.28 34.25
N GLY B 49 6.41 16.99 33.41
CA GLY B 49 6.92 18.19 32.75
C GLY B 49 6.42 18.37 31.33
N GLY B 50 5.62 17.42 30.85
CA GLY B 50 5.09 17.47 29.49
C GLY B 50 3.82 16.66 29.32
N ALA B 51 3.72 15.86 28.25
CA ALA B 51 2.56 15.00 28.07
C ALA B 51 2.70 13.76 28.94
N VAL B 52 2.46 12.58 28.36
CA VAL B 52 2.59 11.34 29.13
C VAL B 52 3.31 10.30 28.26
N PRO B 53 4.62 10.12 28.42
CA PRO B 53 5.27 8.92 27.87
C PRO B 53 4.59 7.67 28.42
N PHE B 54 4.36 6.69 27.55
CA PHE B 54 3.47 5.58 27.90
C PHE B 54 3.90 4.89 29.19
N LYS B 55 5.18 4.48 29.27
CA LYS B 55 5.65 3.77 30.46
C LYS B 55 5.43 4.58 31.73
N ALA B 56 5.73 5.88 31.68
CA ALA B 56 5.50 6.75 32.83
C ALA B 56 4.01 6.81 33.17
N ALA B 57 3.16 6.96 32.15
CA ALA B 57 1.73 7.03 32.41
C ALA B 57 1.23 5.73 33.01
N LEU B 58 1.53 4.60 32.35
CA LEU B 58 1.04 3.30 32.83
C LEU B 58 1.49 3.01 34.26
N THR B 59 2.74 3.35 34.60
CA THR B 59 3.23 3.17 35.97
C THR B 59 2.36 3.92 36.97
N GLU B 60 2.00 5.17 36.67
CA GLU B 60 1.22 5.94 37.63
C GLU B 60 -0.20 5.41 37.75
N ARG B 61 -0.87 5.15 36.61
CA ARG B 61 -2.24 4.63 36.67
C ARG B 61 -2.29 3.33 37.48
N LEU B 62 -1.42 2.36 37.12
CA LEU B 62 -1.36 1.13 37.89
C LEU B 62 -0.97 1.38 39.34
N ALA B 63 -0.16 2.41 39.58
CA ALA B 63 0.22 2.76 40.95
C ALA B 63 -1.01 3.04 41.80
N LEU B 64 -2.00 3.73 41.23
CA LEU B 64 -3.23 4.02 41.94
C LEU B 64 -4.13 2.80 42.04
N ILE B 65 -4.15 1.95 41.01
CA ILE B 65 -5.13 0.86 40.97
C ILE B 65 -4.68 -0.31 41.84
N GLN B 66 -3.41 -0.68 41.76
CA GLN B 66 -2.85 -1.79 42.53
C GLN B 66 -3.63 -3.09 42.44
N PRO B 67 -3.90 -3.58 41.23
CA PRO B 67 -4.76 -4.77 41.09
C PRO B 67 -4.10 -5.99 41.72
N SER B 68 -4.87 -6.69 42.55
CA SER B 68 -4.38 -7.96 43.03
C SER B 68 -4.71 -9.04 41.99
N ARG B 69 -4.01 -10.16 42.09
CA ARG B 69 -4.30 -11.28 41.21
C ARG B 69 -5.75 -11.71 41.34
N GLU B 70 -6.27 -11.74 42.58
CA GLU B 70 -7.66 -12.12 42.80
C GLU B 70 -8.61 -11.14 42.10
N GLN B 71 -8.29 -9.84 42.15
CA GLN B 71 -9.13 -8.87 41.47
C GLN B 71 -9.11 -9.03 39.96
N VAL B 72 -7.93 -9.24 39.37
CA VAL B 72 -7.88 -9.51 37.93
C VAL B 72 -8.68 -10.76 37.61
N GLN B 73 -8.47 -11.83 38.38
CA GLN B 73 -9.19 -13.08 38.20
C GLN B 73 -10.69 -12.86 38.27
N ARG B 74 -11.14 -12.00 39.19
CA ARG B 74 -12.58 -11.79 39.35
C ARG B 74 -13.15 -10.97 38.19
N LEU B 75 -12.38 -10.04 37.63
CA LEU B 75 -12.86 -9.29 36.47
C LEU B 75 -13.14 -10.23 35.30
N ILE B 76 -12.28 -11.22 35.09
CA ILE B 76 -12.43 -12.11 33.95
C ILE B 76 -13.65 -13.03 34.13
N ALA B 77 -13.90 -13.49 35.35
CA ALA B 77 -14.98 -14.45 35.54
C ALA B 77 -16.34 -13.79 35.71
N GLU B 78 -16.39 -12.56 36.23
CA GLU B 78 -17.65 -11.94 36.64
C GLU B 78 -18.01 -10.68 35.88
N GLN B 79 -17.04 -9.99 35.30
CA GLN B 79 -17.30 -8.80 34.47
C GLN B 79 -16.41 -8.83 33.24
N PRO B 80 -16.43 -9.92 32.48
CA PRO B 80 -15.59 -9.98 31.29
C PRO B 80 -15.99 -8.90 30.30
N PRO B 81 -15.04 -8.37 29.54
CA PRO B 81 -15.37 -7.29 28.60
C PRO B 81 -16.24 -7.85 27.47
N HIS B 82 -17.02 -6.96 26.86
CA HIS B 82 -17.93 -7.36 25.80
C HIS B 82 -17.26 -7.24 24.43
N LEU B 83 -17.36 -8.30 23.62
CA LEU B 83 -16.86 -8.24 22.26
C LEU B 83 -17.66 -7.22 21.46
N THR B 84 -16.96 -6.48 20.59
CA THR B 84 -17.63 -5.58 19.67
C THR B 84 -18.43 -6.39 18.64
N PRO B 85 -19.67 -5.99 18.33
CA PRO B 85 -20.45 -6.71 17.33
C PRO B 85 -19.67 -6.92 16.05
N GLY B 86 -19.77 -8.14 15.51
CA GLY B 86 -19.14 -8.44 14.25
C GLY B 86 -17.73 -9.00 14.34
N ILE B 87 -17.02 -8.79 15.46
CA ILE B 87 -15.61 -9.15 15.50
C ILE B 87 -15.41 -10.66 15.47
N ARG B 88 -16.31 -11.42 16.14
CA ARG B 88 -16.23 -12.87 16.09
C ARG B 88 -16.23 -13.37 14.65
N GLU B 89 -17.20 -12.92 13.85
CA GLU B 89 -17.27 -13.40 12.47
C GLU B 89 -16.11 -12.89 11.62
N LEU B 90 -15.73 -11.62 11.77
CA LEU B 90 -14.63 -11.08 10.97
C LEU B 90 -13.36 -11.91 11.17
N VAL B 91 -13.02 -12.19 12.43
CA VAL B 91 -11.81 -12.95 12.74
C VAL B 91 -11.89 -14.35 12.15
N SER B 92 -13.05 -15.01 12.29
CA SER B 92 -13.20 -16.35 11.76
C SER B 92 -13.01 -16.39 10.24
N ARG B 93 -13.50 -15.36 9.54
CA ARG B 93 -13.37 -15.35 8.09
C ARG B 93 -11.92 -15.13 7.66
N LEU B 94 -11.21 -14.25 8.36
CA LEU B 94 -9.80 -14.06 8.09
C LEU B 94 -9.05 -15.38 8.26
N GLN B 95 -9.29 -16.06 9.39
CA GLN B 95 -8.59 -17.32 9.67
C GLN B 95 -8.92 -18.38 8.63
N GLU B 96 -10.17 -18.39 8.14
CA GLU B 96 -10.55 -19.34 7.09
C GLU B 96 -9.82 -19.06 5.79
N ARG B 97 -9.42 -17.82 5.55
CA ARG B 97 -8.61 -17.48 4.40
C ARG B 97 -7.12 -17.58 4.69
N ASN B 98 -6.75 -18.18 5.82
CA ASN B 98 -5.36 -18.39 6.22
C ASN B 98 -4.60 -17.10 6.49
N VAL B 99 -5.31 -16.02 6.83
CA VAL B 99 -4.67 -14.82 7.33
C VAL B 99 -4.29 -15.03 8.80
N GLN B 100 -3.04 -14.74 9.16
CA GLN B 100 -2.66 -14.76 10.57
C GLN B 100 -3.26 -13.55 11.30
N VAL B 101 -3.98 -13.79 12.38
CA VAL B 101 -4.67 -12.74 13.13
C VAL B 101 -3.99 -12.58 14.48
N PHE B 102 -3.63 -11.34 14.82
CA PHE B 102 -2.91 -11.03 16.06
C PHE B 102 -3.70 -10.01 16.88
N LEU B 103 -3.54 -10.07 18.20
CA LEU B 103 -4.04 -9.03 19.10
C LEU B 103 -2.84 -8.31 19.69
N ILE B 104 -2.85 -6.98 19.61
CA ILE B 104 -1.77 -6.17 20.14
C ILE B 104 -2.37 -5.11 21.06
N SER B 105 -1.85 -5.02 22.28
CA SER B 105 -2.55 -4.26 23.28
C SER B 105 -1.57 -3.62 24.25
N GLY B 106 -1.83 -2.35 24.59
CA GLY B 106 -1.22 -1.78 25.78
C GLY B 106 -1.87 -2.23 27.07
N GLY B 107 -2.94 -3.00 26.97
CA GLY B 107 -3.55 -3.65 28.11
C GLY B 107 -2.75 -4.88 28.53
N PHE B 108 -3.42 -5.77 29.24
CA PHE B 108 -2.76 -6.79 30.03
C PHE B 108 -3.10 -8.20 29.54
N ARG B 109 -2.07 -9.04 29.51
CA ARG B 109 -2.17 -10.35 28.85
C ARG B 109 -3.20 -11.25 29.52
N SER B 110 -3.42 -11.08 30.83
CA SER B 110 -4.47 -11.87 31.49
C SER B 110 -5.82 -11.62 30.83
N ILE B 111 -6.18 -10.35 30.63
CA ILE B 111 -7.45 -10.01 30.04
C ILE B 111 -7.44 -10.28 28.53
N VAL B 112 -6.35 -9.92 27.84
CA VAL B 112 -6.33 -10.10 26.40
C VAL B 112 -6.35 -11.59 26.01
N GLU B 113 -5.72 -12.47 26.80
CA GLU B 113 -5.73 -13.89 26.45
C GLU B 113 -7.11 -14.48 26.62
N HIS B 114 -7.87 -13.98 27.61
CA HIS B 114 -9.27 -14.33 27.74
C HIS B 114 -10.05 -13.95 26.48
N VAL B 115 -9.84 -12.73 25.99
CA VAL B 115 -10.53 -12.26 24.79
C VAL B 115 -10.11 -13.10 23.59
N ALA B 116 -8.81 -13.37 23.45
CA ALA B 116 -8.33 -14.18 22.34
C ALA B 116 -8.94 -15.58 22.34
N SER B 117 -9.09 -16.19 23.51
CA SER B 117 -9.71 -17.51 23.55
C SER B 117 -11.15 -17.49 23.01
N LYS B 118 -11.89 -16.40 23.24
CA LYS B 118 -13.22 -16.30 22.65
C LYS B 118 -13.20 -16.16 21.13
N LEU B 119 -12.06 -15.80 20.54
CA LEU B 119 -11.94 -15.53 19.10
C LEU B 119 -11.13 -16.59 18.38
N ASN B 120 -10.75 -17.66 19.07
CA ASN B 120 -9.90 -18.72 18.51
C ASN B 120 -8.53 -18.19 18.11
N ILE B 121 -8.03 -17.15 18.77
CA ILE B 121 -6.71 -16.61 18.44
C ILE B 121 -5.71 -17.21 19.42
N PRO B 122 -4.63 -17.85 18.96
CA PRO B 122 -3.70 -18.49 19.88
C PRO B 122 -2.94 -17.47 20.74
N ALA B 123 -2.62 -17.88 21.95
CA ALA B 123 -1.90 -17.00 22.86
C ALA B 123 -0.54 -16.61 22.30
N THR B 124 0.02 -17.40 21.37
CA THR B 124 1.25 -16.95 20.72
C THR B 124 1.03 -15.76 19.82
N ASN B 125 -0.23 -15.44 19.49
CA ASN B 125 -0.56 -14.32 18.63
C ASN B 125 -1.05 -13.10 19.41
N VAL B 126 -0.77 -13.06 20.71
CA VAL B 126 -1.20 -12.00 21.61
C VAL B 126 0.05 -11.27 22.09
N PHE B 127 0.07 -9.96 21.92
CA PHE B 127 1.16 -9.13 22.42
C PHE B 127 0.58 -8.02 23.29
N ALA B 128 0.95 -8.05 24.56
CA ALA B 128 0.32 -7.21 25.58
C ALA B 128 1.32 -7.02 26.71
N ASN B 129 0.98 -6.11 27.63
CA ASN B 129 1.76 -6.00 28.85
C ASN B 129 1.38 -7.09 29.83
N ARG B 130 2.30 -7.40 30.74
CA ARG B 130 2.13 -8.46 31.72
C ARG B 130 2.21 -7.87 33.11
N LEU B 131 1.19 -8.09 33.93
CA LEU B 131 1.19 -7.67 35.31
C LEU B 131 2.02 -8.64 36.16
N LYS B 132 2.65 -8.10 37.21
CA LYS B 132 3.39 -8.91 38.17
C LYS B 132 2.68 -8.92 39.52
N PHE B 133 2.85 -10.00 40.26
CA PHE B 133 2.18 -10.19 41.54
C PHE B 133 3.13 -10.85 42.52
N TYR B 134 2.98 -10.49 43.80
CA TYR B 134 3.76 -11.12 44.86
C TYR B 134 3.15 -12.48 45.21
N PHE B 135 3.87 -13.22 46.05
CA PHE B 135 3.43 -14.58 46.35
C PHE B 135 2.01 -14.58 46.88
N ASN B 136 1.65 -13.60 47.71
CA ASN B 136 0.31 -13.50 48.27
C ASN B 136 -0.70 -12.87 47.31
N GLY B 137 -0.27 -12.44 46.12
CA GLY B 137 -1.20 -11.92 45.14
C GLY B 137 -1.21 -10.43 44.96
N GLU B 138 -0.47 -9.67 45.76
CA GLU B 138 -0.53 -8.22 45.65
C GLU B 138 0.15 -7.72 44.37
N TYR B 139 -0.26 -6.53 43.95
CA TYR B 139 0.33 -5.91 42.77
C TYR B 139 1.82 -5.68 42.98
N ALA B 140 2.62 -6.15 42.02
CA ALA B 140 4.07 -6.07 42.11
C ALA B 140 4.72 -5.33 40.96
N GLY B 141 3.94 -4.68 40.10
CA GLY B 141 4.47 -4.02 38.93
C GLY B 141 4.08 -4.71 37.64
N PHE B 142 4.80 -4.37 36.57
CA PHE B 142 4.59 -5.01 35.29
C PHE B 142 5.92 -5.21 34.57
N ASP B 143 5.88 -5.99 33.50
CA ASP B 143 7.05 -6.40 32.74
C ASP B 143 7.49 -5.25 31.84
N GLU B 144 8.54 -4.55 32.24
CA GLU B 144 8.92 -3.34 31.53
C GLU B 144 9.78 -3.63 30.29
N THR B 145 10.11 -4.88 30.01
CA THR B 145 10.87 -5.26 28.83
C THR B 145 9.99 -5.56 27.62
N GLN B 146 8.66 -5.42 27.75
CA GLN B 146 7.73 -5.67 26.64
C GLN B 146 7.67 -4.47 25.70
N PRO B 147 7.69 -4.69 24.39
CA PRO B 147 7.53 -3.56 23.46
C PRO B 147 6.26 -2.76 23.69
N THR B 148 5.16 -3.40 24.09
CA THR B 148 3.93 -2.67 24.33
C THR B 148 3.99 -1.80 25.58
N ALA B 149 5.08 -1.86 26.35
CA ALA B 149 5.23 -1.10 27.58
C ALA B 149 5.88 0.26 27.37
N GLU B 150 6.13 0.67 26.13
CA GLU B 150 6.79 1.93 25.83
C GLU B 150 6.10 2.60 24.64
N SER B 151 6.43 3.86 24.41
CA SER B 151 5.84 4.60 23.31
C SER B 151 6.19 3.96 21.97
N GLY B 152 5.24 3.97 21.03
CA GLY B 152 5.51 3.38 19.73
C GLY B 152 5.52 1.87 19.72
N GLY B 153 4.98 1.24 20.77
CA GLY B 153 5.19 -0.17 20.97
C GLY B 153 4.47 -1.06 19.98
N LYS B 154 3.32 -0.62 19.48
CA LYS B 154 2.64 -1.40 18.46
C LYS B 154 3.47 -1.47 17.19
N GLY B 155 4.03 -0.34 16.75
CA GLY B 155 4.97 -0.38 15.64
C GLY B 155 6.13 -1.32 15.91
N LYS B 156 6.62 -1.33 17.16
CA LYS B 156 7.70 -2.25 17.50
C LYS B 156 7.26 -3.71 17.33
N VAL B 157 6.04 -4.04 17.76
CA VAL B 157 5.56 -5.42 17.62
C VAL B 157 5.45 -5.78 16.15
N ILE B 158 4.88 -4.89 15.35
CA ILE B 158 4.67 -5.19 13.94
C ILE B 158 6.00 -5.32 13.23
N LYS B 159 6.98 -4.50 13.62
CA LYS B 159 8.33 -4.63 13.10
C LYS B 159 8.90 -6.01 13.41
N LEU B 160 8.74 -6.47 14.66
CA LEU B 160 9.25 -7.80 15.02
C LEU B 160 8.52 -8.90 14.26
N LEU B 161 7.21 -8.75 14.07
CA LEU B 161 6.45 -9.74 13.31
C LEU B 161 6.95 -9.81 11.87
N LYS B 162 7.14 -8.66 11.25
CA LYS B 162 7.60 -8.63 9.86
C LYS B 162 8.98 -9.28 9.73
N GLU B 163 9.88 -9.04 10.69
CA GLU B 163 11.20 -9.64 10.64
C GLU B 163 11.13 -11.15 10.83
N LYS B 164 10.28 -11.61 11.74
CA LYS B 164 10.21 -13.02 12.05
C LYS B 164 9.45 -13.80 10.96
N PHE B 165 8.26 -13.34 10.60
CA PHE B 165 7.38 -14.10 9.71
C PHE B 165 7.45 -13.68 8.25
N HIS B 166 8.11 -12.55 7.95
CA HIS B 166 8.30 -12.07 6.58
C HIS B 166 6.98 -11.74 5.90
N PHE B 167 6.02 -11.23 6.69
CA PHE B 167 4.72 -10.85 6.15
C PHE B 167 4.87 -9.76 5.10
N LYS B 168 4.13 -9.89 4.01
CA LYS B 168 4.23 -8.95 2.92
C LYS B 168 3.10 -7.93 2.89
N LYS B 169 2.03 -8.16 3.64
CA LYS B 169 0.90 -7.23 3.64
C LYS B 169 0.21 -7.38 5.00
N ILE B 170 0.63 -6.56 5.96
CA ILE B 170 0.09 -6.56 7.31
C ILE B 170 -0.84 -5.37 7.44
N ILE B 171 -2.05 -5.62 7.91
CA ILE B 171 -3.01 -4.57 8.19
C ILE B 171 -3.11 -4.39 9.70
N MET B 172 -3.10 -3.13 10.14
CA MET B 172 -3.34 -2.78 11.53
C MET B 172 -4.73 -2.14 11.61
N ILE B 173 -5.56 -2.59 12.54
CA ILE B 173 -6.92 -2.09 12.73
C ILE B 173 -7.07 -1.65 14.18
N GLY B 174 -7.44 -0.39 14.39
CA GLY B 174 -7.64 0.10 15.74
C GLY B 174 -8.28 1.47 15.74
N ASP B 175 -8.58 1.95 16.94
CA ASP B 175 -9.28 3.23 17.11
C ASP B 175 -8.35 4.40 17.35
N GLY B 176 -7.08 4.15 17.68
CA GLY B 176 -6.27 5.19 18.29
C GLY B 176 -5.05 5.61 17.52
N ALA B 177 -4.48 6.73 17.96
CA ALA B 177 -3.25 7.25 17.40
C ALA B 177 -2.11 6.23 17.44
N THR B 178 -2.01 5.47 18.52
CA THR B 178 -0.93 4.50 18.60
C THR B 178 -1.10 3.38 17.57
N ASP B 179 -2.34 3.16 17.12
CA ASP B 179 -2.58 2.21 16.03
C ASP B 179 -2.18 2.80 14.69
N MET B 180 -2.70 3.98 14.37
CA MET B 180 -2.40 4.65 13.10
C MET B 180 -0.89 4.80 12.91
N GLU B 181 -0.17 5.09 13.99
CA GLU B 181 1.26 5.30 13.91
C GLU B 181 2.04 3.97 13.81
N ALA B 182 1.37 2.82 13.84
CA ALA B 182 2.02 1.55 13.56
C ALA B 182 2.10 1.26 12.06
N CYS B 183 1.57 2.17 11.25
CA CYS B 183 1.57 2.07 9.80
C CYS B 183 2.33 3.27 9.26
N PRO B 184 3.60 3.11 8.86
CA PRO B 184 4.32 1.82 8.85
C PRO B 184 4.95 1.57 10.20
N PRO B 185 5.55 0.40 10.42
CA PRO B 185 5.89 -0.76 9.57
C PRO B 185 4.69 -1.46 8.89
N ALA B 186 3.48 -1.29 9.41
CA ALA B 186 2.33 -1.95 8.81
C ALA B 186 2.13 -1.43 7.40
N ASP B 187 1.52 -2.25 6.55
CA ASP B 187 1.30 -1.88 5.16
C ASP B 187 -0.01 -1.14 4.95
N ALA B 188 -1.00 -1.34 5.82
CA ALA B 188 -2.23 -0.58 5.71
C ALA B 188 -2.79 -0.39 7.11
N PHE B 189 -3.55 0.69 7.26
CA PHE B 189 -4.24 0.98 8.50
C PHE B 189 -5.72 1.18 8.21
N ILE B 190 -6.59 0.63 9.06
CA ILE B 190 -8.01 0.88 9.03
C ILE B 190 -8.42 1.35 10.42
N GLY B 191 -8.90 2.58 10.50
CA GLY B 191 -9.39 3.10 11.76
C GLY B 191 -10.77 2.56 12.08
N PHE B 192 -11.05 2.39 13.37
CA PHE B 192 -12.33 1.83 13.80
C PHE B 192 -12.96 2.72 14.87
N GLY B 193 -14.13 3.28 14.54
CA GLY B 193 -14.79 4.20 15.46
C GLY B 193 -16.12 3.68 15.95
N GLY B 194 -16.26 2.36 16.09
CA GLY B 194 -17.50 1.78 16.60
C GLY B 194 -17.76 2.14 18.04
N ASN B 195 -16.70 2.21 18.84
CA ASN B 195 -16.81 2.46 20.26
C ASN B 195 -16.33 3.84 20.68
N VAL B 196 -15.19 4.28 20.14
CA VAL B 196 -14.59 5.56 20.44
C VAL B 196 -14.19 6.21 19.11
N ILE B 197 -14.76 7.38 18.83
CA ILE B 197 -14.40 8.17 17.65
C ILE B 197 -13.35 9.20 18.04
N ARG B 198 -12.15 9.08 17.48
CA ARG B 198 -11.10 10.06 17.72
C ARG B 198 -10.94 10.92 16.47
N GLN B 199 -11.18 12.22 16.65
CA GLN B 199 -11.18 13.13 15.51
C GLN B 199 -9.85 13.07 14.75
N GLN B 200 -8.74 12.96 15.47
CA GLN B 200 -7.45 12.96 14.79
C GLN B 200 -7.27 11.75 13.90
N VAL B 201 -7.87 10.61 14.27
CA VAL B 201 -7.77 9.43 13.43
C VAL B 201 -8.71 9.53 12.25
N LYS B 202 -9.99 9.83 12.51
CA LYS B 202 -10.95 9.87 11.42
C LYS B 202 -10.63 10.99 10.44
N ASP B 203 -10.04 12.09 10.91
CA ASP B 203 -9.72 13.19 10.00
C ASP B 203 -8.51 12.93 9.13
N ASN B 204 -7.70 11.91 9.42
CA ASN B 204 -6.44 11.76 8.71
C ASN B 204 -6.20 10.40 8.14
N ALA B 205 -6.95 9.37 8.54
CA ALA B 205 -6.79 8.03 7.99
C ALA B 205 -7.65 7.88 6.75
N LYS B 206 -7.06 7.38 5.67
CA LYS B 206 -7.84 7.16 4.47
C LYS B 206 -8.96 6.14 4.71
N TRP B 207 -8.67 5.07 5.42
CA TRP B 207 -9.68 4.04 5.72
C TRP B 207 -10.18 4.20 7.15
N TYR B 208 -11.48 4.38 7.30
CA TYR B 208 -12.05 4.53 8.64
C TYR B 208 -13.47 3.95 8.64
N ILE B 209 -13.70 2.96 9.49
CA ILE B 209 -15.00 2.31 9.56
C ILE B 209 -15.54 2.45 10.97
N THR B 210 -16.86 2.26 11.11
CA THR B 210 -17.52 2.27 12.41
C THR B 210 -18.28 0.99 12.73
N ASP B 211 -18.30 0.01 11.83
CA ASP B 211 -19.15 -1.17 12.00
C ASP B 211 -18.40 -2.36 11.41
N PHE B 212 -18.02 -3.32 12.26
CA PHE B 212 -17.48 -4.58 11.75
C PHE B 212 -18.55 -5.36 11.00
N VAL B 213 -19.76 -5.44 11.58
CA VAL B 213 -20.85 -6.22 10.97
C VAL B 213 -21.05 -5.78 9.53
N GLU B 214 -20.87 -4.49 9.25
CA GLU B 214 -20.99 -4.00 7.88
C GLU B 214 -19.80 -4.40 7.00
N LEU B 215 -18.58 -4.36 7.56
CA LEU B 215 -17.40 -4.73 6.78
C LEU B 215 -17.44 -6.20 6.33
N LEU B 216 -18.25 -7.02 6.98
CA LEU B 216 -18.38 -8.42 6.60
C LEU B 216 -18.99 -8.54 5.20
N GLY B 217 -20.21 -8.03 5.03
CA GLY B 217 -21.03 -8.20 3.85
C GLY B 217 -20.39 -8.28 2.48
CA CA C . 4.83 4.75 -16.14
CA CA D . 5.16 -10.99 -14.37
CA CA E . -7.68 1.25 21.61
CA HJT F . -2.62 1.73 23.61
CB HJT F . -3.42 0.72 24.42
N HJT F . -1.21 1.51 23.86
C HJT F . -3.01 3.17 23.95
O HJT F . -2.55 3.70 25.00
CG HJT F . -3.90 -0.49 23.60
OXT HJT F . -3.75 3.85 23.20
O1S HJT F . -6.00 -2.11 23.28
O2S HJT F . -5.69 -0.40 25.51
O3S HJT F . -4.30 -2.60 25.26
S HJT F . -4.98 -1.39 24.38
CL CL G . -1.49 -9.68 33.03
#